data_8J4L
#
_entry.id   8J4L
#
_cell.length_a   39.928
_cell.length_b   50.130
_cell.length_c   76.208
_cell.angle_alpha   90.000
_cell.angle_beta   90.000
_cell.angle_gamma   90.000
#
_symmetry.space_group_name_H-M   'P 21 21 21'
#
loop_
_entity.id
_entity.type
_entity.pdbx_description
1 polymer Myoglobin
2 non-polymer 'PROTOPORPHYRIN IX CONTAINING FE'
3 non-polymer 1H-1,2,3-triazole-5-thiol
4 water water
#
_entity_poly.entity_id   1
_entity_poly.type   'polypeptide(L)'
_entity_poly.pdbx_seq_one_letter_code
;MVLSEGEWQLVLHVWAKVEADVAGHGQDILIRLFKSHPETLEKFDRCKHLKTEAEMKASEDLKKHGVTVLTALGAILKKK
GHHEAELKPLAQSHATKHKIPIKYLEFISEAIIHVLHSRHPGDFGADAQGAMNKALELFRKDIAAKYKELGYQG
;
_entity_poly.pdbx_strand_id   A
#
loop_
_chem_comp.id
_chem_comp.type
_chem_comp.name
_chem_comp.formula
EBJ non-polymer 1H-1,2,3-triazole-5-thiol 'C2 H3 N3 S'
HEM non-polymer 'PROTOPORPHYRIN IX CONTAINING FE' 'C34 H32 Fe N4 O4'
#
# COMPACT_ATOMS: atom_id res chain seq x y z
N VAL A 2 11.24 4.72 14.91
CA VAL A 2 10.06 5.49 15.46
C VAL A 2 9.98 6.89 14.80
N LEU A 3 8.87 7.16 14.12
CA LEU A 3 8.68 8.46 13.45
C LEU A 3 8.39 9.55 14.48
N SER A 4 8.79 10.77 14.15
CA SER A 4 8.45 11.93 15.00
C SER A 4 6.98 12.33 14.77
N GLU A 5 6.41 13.09 15.68
CA GLU A 5 5.03 13.59 15.50
C GLU A 5 4.96 14.42 14.20
N GLY A 6 6.01 15.18 13.90
CA GLY A 6 6.07 15.99 12.67
C GLY A 6 5.99 15.10 11.44
N GLU A 7 6.69 13.98 11.49
CA GLU A 7 6.69 13.03 10.35
C GLU A 7 5.29 12.42 10.17
N TRP A 8 4.67 12.01 11.27
CA TRP A 8 3.28 11.47 11.19
C TRP A 8 2.34 12.53 10.59
N GLN A 9 2.53 13.77 10.99
CA GLN A 9 1.65 14.84 10.48
C GLN A 9 1.86 15.00 8.98
N LEU A 10 3.09 14.85 8.48
CA LEU A 10 3.30 14.97 7.01
C LEU A 10 2.65 13.77 6.30
N VAL A 11 2.80 12.57 6.88
CA VAL A 11 2.10 11.40 6.33
C VAL A 11 0.62 11.69 6.27
N LEU A 12 0.00 12.08 7.38
CA LEU A 12 -1.48 12.19 7.44
C LEU A 12 -1.99 13.38 6.61
N HIS A 13 -1.14 14.37 6.40
CA HIS A 13 -1.49 15.54 5.52
C HIS A 13 -1.68 15.12 4.06
N VAL A 14 -0.70 14.37 3.53
CA VAL A 14 -0.86 13.86 2.13
C VAL A 14 -1.97 12.79 2.08
N TRP A 15 -2.13 12.03 3.16
CA TRP A 15 -3.17 10.97 3.18
C TRP A 15 -4.56 11.60 3.07
N ALA A 16 -4.74 12.81 3.59
CA ALA A 16 -6.04 13.51 3.48
C ALA A 16 -6.35 13.77 2.00
N LYS A 17 -5.34 13.96 1.17
CA LYS A 17 -5.53 14.14 -0.28
C LYS A 17 -5.99 12.81 -0.89
N VAL A 18 -5.42 11.69 -0.46
CA VAL A 18 -5.86 10.35 -0.95
C VAL A 18 -7.34 10.18 -0.59
N GLU A 19 -7.73 10.57 0.62
CA GLU A 19 -9.12 10.34 1.11
C GLU A 19 -10.15 11.14 0.32
N ALA A 20 -9.75 12.16 -0.42
CA ALA A 20 -10.70 12.90 -1.29
C ALA A 20 -11.17 12.03 -2.46
N ASP A 21 -10.33 11.07 -2.88
CA ASP A 21 -10.75 10.13 -3.95
C ASP A 21 -9.98 8.82 -3.77
N VAL A 22 -10.42 8.02 -2.84
CA VAL A 22 -9.74 6.76 -2.53
C VAL A 22 -9.73 5.87 -3.75
N ALA A 23 -10.85 5.71 -4.44
CA ALA A 23 -10.90 4.75 -5.56
C ALA A 23 -9.92 5.14 -6.69
N GLY A 24 -9.86 6.44 -7.02
CA GLY A 24 -8.97 6.82 -8.14
C GLY A 24 -7.50 6.65 -7.76
N HIS A 25 -7.16 6.90 -6.51
CA HIS A 25 -5.76 6.67 -6.04
C HIS A 25 -5.46 5.17 -6.03
N GLY A 26 -6.45 4.36 -5.63
CA GLY A 26 -6.26 2.90 -5.57
C GLY A 26 -6.03 2.31 -6.95
N GLN A 27 -6.74 2.84 -7.93
CA GLN A 27 -6.56 2.39 -9.32
C GLN A 27 -5.14 2.73 -9.77
N ASP A 28 -4.70 3.97 -9.54
CA ASP A 28 -3.36 4.39 -10.03
C ASP A 28 -2.27 3.57 -9.34
N ILE A 29 -2.45 3.29 -8.07
CA ILE A 29 -1.44 2.48 -7.30
C ILE A 29 -1.40 1.00 -7.78
N LEU A 30 -2.55 0.36 -7.91
CA LEU A 30 -2.59 -1.04 -8.40
C LEU A 30 -2.09 -1.13 -9.86
N ILE A 31 -2.47 -0.18 -10.69
CA ILE A 31 -2.03 -0.15 -12.11
C ILE A 31 -0.50 -0.03 -12.14
N ARG A 32 0.04 0.87 -11.34
CA ARG A 32 1.50 1.06 -11.29
C ARG A 32 2.16 -0.25 -10.81
N LEU A 33 1.64 -0.89 -9.78
CA LEU A 33 2.18 -2.17 -9.31
C LEU A 33 2.12 -3.24 -10.40
N PHE A 34 0.97 -3.37 -11.07
CA PHE A 34 0.76 -4.42 -12.09
C PHE A 34 1.63 -4.16 -13.34
N LYS A 35 1.84 -2.89 -13.67
CA LYS A 35 2.65 -2.53 -14.88
C LYS A 35 4.14 -2.68 -14.53
N SER A 36 4.56 -2.26 -13.35
CA SER A 36 5.99 -2.33 -12.94
C SER A 36 6.40 -3.76 -12.55
N HIS A 37 5.49 -4.57 -12.06
CA HIS A 37 5.79 -5.92 -11.55
C HIS A 37 4.64 -6.84 -11.94
N PRO A 38 4.53 -7.16 -13.24
CA PRO A 38 3.42 -7.98 -13.73
C PRO A 38 3.22 -9.31 -12.99
N GLU A 39 4.25 -9.82 -12.34
CA GLU A 39 4.14 -11.11 -11.59
C GLU A 39 3.12 -10.98 -10.44
N THR A 40 2.94 -9.76 -9.92
CA THR A 40 1.98 -9.51 -8.81
C THR A 40 0.53 -9.74 -9.27
N LEU A 41 0.23 -9.46 -10.53
CA LEU A 41 -1.15 -9.63 -11.06
C LEU A 41 -1.60 -11.10 -10.95
N GLU A 42 -0.66 -12.04 -10.91
CA GLU A 42 -0.98 -13.49 -10.82
C GLU A 42 -1.70 -13.86 -9.50
N LYS A 43 -1.59 -12.99 -8.51
CA LYS A 43 -2.22 -13.28 -7.20
C LYS A 43 -3.71 -12.91 -7.21
N PHE A 44 -4.15 -12.25 -8.26
CA PHE A 44 -5.54 -11.74 -8.30
C PHE A 44 -6.31 -12.48 -9.38
N ASP A 45 -7.09 -13.46 -8.97
CA ASP A 45 -7.78 -14.35 -9.94
C ASP A 45 -8.70 -13.56 -10.88
N ARG A 46 -9.41 -12.56 -10.39
CA ARG A 46 -10.40 -11.82 -11.23
C ARG A 46 -9.72 -10.76 -12.10
N CYS A 47 -8.46 -10.49 -11.86
CA CYS A 47 -7.75 -9.44 -12.64
C CYS A 47 -6.53 -9.97 -13.39
N LYS A 48 -6.22 -11.26 -13.25
CA LYS A 48 -4.92 -11.76 -13.82
C LYS A 48 -4.89 -11.64 -15.36
N HIS A 49 -6.04 -11.52 -16.01
CA HIS A 49 -6.12 -11.41 -17.49
C HIS A 49 -5.93 -9.99 -18.02
N LEU A 50 -5.87 -9.02 -17.12
CA LEU A 50 -5.83 -7.60 -17.57
C LEU A 50 -4.49 -7.28 -18.22
N LYS A 51 -4.55 -6.52 -19.31
CA LYS A 51 -3.31 -6.22 -20.05
C LYS A 51 -3.11 -4.71 -20.17
N THR A 52 -4.11 -3.99 -20.63
CA THR A 52 -3.90 -2.55 -20.87
C THR A 52 -4.35 -1.69 -19.71
N GLU A 53 -3.85 -0.46 -19.69
CA GLU A 53 -4.29 0.50 -18.64
C GLU A 53 -5.78 0.78 -18.74
N ALA A 54 -6.33 0.90 -19.94
CA ALA A 54 -7.78 1.10 -20.08
C ALA A 54 -8.55 -0.10 -19.53
N GLU A 55 -8.06 -1.31 -19.75
CA GLU A 55 -8.75 -2.51 -19.22
C GLU A 55 -8.70 -2.47 -17.69
N MET A 56 -7.56 -2.05 -17.18
CA MET A 56 -7.38 -1.98 -15.70
C MET A 56 -8.27 -0.90 -15.11
N LYS A 57 -8.41 0.23 -15.79
CA LYS A 57 -9.30 1.32 -15.32
C LYS A 57 -10.78 0.93 -15.44
N ALA A 58 -11.13 0.06 -16.37
CA ALA A 58 -12.53 -0.38 -16.54
C ALA A 58 -12.87 -1.51 -15.56
N SER A 59 -11.89 -2.11 -14.90
CA SER A 59 -12.15 -3.26 -14.02
C SER A 59 -12.82 -2.85 -12.69
N GLU A 60 -14.01 -3.35 -12.48
CA GLU A 60 -14.73 -3.11 -11.20
C GLU A 60 -13.98 -3.83 -10.06
N ASP A 61 -13.41 -5.01 -10.32
CA ASP A 61 -12.70 -5.79 -9.28
C ASP A 61 -11.47 -4.98 -8.82
N LEU A 62 -10.72 -4.47 -9.80
CA LEU A 62 -9.50 -3.69 -9.48
C LEU A 62 -9.89 -2.42 -8.69
N LYS A 63 -10.95 -1.75 -9.12
CA LYS A 63 -11.36 -0.49 -8.45
C LYS A 63 -11.79 -0.79 -7.00
N LYS A 64 -12.48 -1.90 -6.79
CA LYS A 64 -12.92 -2.29 -5.43
C LYS A 64 -11.70 -2.66 -4.58
N HIS A 65 -10.76 -3.38 -5.18
CA HIS A 65 -9.59 -3.86 -4.40
C HIS A 65 -8.68 -2.68 -3.99
N GLY A 66 -8.57 -1.69 -4.87
CA GLY A 66 -7.75 -0.51 -4.50
C GLY A 66 -8.32 0.17 -3.26
N VAL A 67 -9.64 0.17 -3.16
CA VAL A 67 -10.31 0.77 -1.97
C VAL A 67 -10.09 -0.13 -0.76
N THR A 68 -10.19 -1.44 -0.97
CA THR A 68 -9.90 -2.38 0.15
C THR A 68 -8.51 -2.08 0.71
N VAL A 69 -7.52 -1.99 -0.16
CA VAL A 69 -6.12 -1.80 0.29
C VAL A 69 -5.95 -0.45 0.99
N LEU A 70 -6.38 0.63 0.33
CA LEU A 70 -6.15 1.99 0.92
C LEU A 70 -7.00 2.22 2.20
N THR A 71 -8.16 1.61 2.31
CA THR A 71 -8.96 1.74 3.57
C THR A 71 -8.14 1.13 4.71
N ALA A 72 -7.58 -0.05 4.46
CA ALA A 72 -6.81 -0.74 5.54
C ALA A 72 -5.53 0.04 5.83
N LEU A 73 -4.85 0.48 4.78
CA LEU A 73 -3.57 1.17 5.03
C LEU A 73 -3.81 2.51 5.75
N GLY A 74 -4.85 3.23 5.36
CA GLY A 74 -5.18 4.50 6.03
C GLY A 74 -5.43 4.32 7.53
N ALA A 75 -6.12 3.24 7.89
CA ALA A 75 -6.38 2.96 9.32
C ALA A 75 -5.05 2.68 10.04
N ILE A 76 -4.15 1.97 9.36
CA ILE A 76 -2.81 1.66 9.93
C ILE A 76 -2.01 2.96 10.11
N LEU A 77 -1.99 3.82 9.09
CA LEU A 77 -1.19 5.08 9.18
C LEU A 77 -1.73 5.98 10.30
N LYS A 78 -3.03 6.01 10.47
CA LYS A 78 -3.68 6.87 11.50
C LYS A 78 -3.35 6.37 12.92
N LYS A 79 -2.95 5.12 13.07
CA LYS A 79 -2.50 4.60 14.39
C LYS A 79 -1.10 5.10 14.73
N LYS A 80 -0.39 5.68 13.77
CA LYS A 80 0.94 6.30 14.03
C LYS A 80 1.88 5.31 14.73
N GLY A 81 2.01 4.11 14.16
CA GLY A 81 2.94 3.09 14.68
C GLY A 81 2.34 2.15 15.69
N HIS A 82 1.22 2.53 16.28
CA HIS A 82 0.50 1.69 17.26
C HIS A 82 -0.53 0.83 16.53
N HIS A 83 -0.03 0.02 15.62
CA HIS A 83 -0.95 -0.69 14.69
C HIS A 83 -0.92 -2.21 14.82
N GLU A 84 -0.49 -2.73 15.96
CA GLU A 84 -0.43 -4.20 16.14
C GLU A 84 -1.79 -4.86 15.85
N ALA A 85 -2.88 -4.30 16.37
CA ALA A 85 -4.20 -4.92 16.19
C ALA A 85 -4.70 -4.82 14.74
N GLU A 86 -4.30 -3.79 13.99
CA GLU A 86 -4.65 -3.67 12.56
C GLU A 86 -3.78 -4.62 11.73
N LEU A 87 -2.55 -4.84 12.13
CA LEU A 87 -1.62 -5.68 11.33
C LEU A 87 -1.93 -7.17 11.53
N LYS A 88 -2.48 -7.53 12.69
CA LYS A 88 -2.67 -8.96 13.02
C LYS A 88 -3.51 -9.70 11.95
N PRO A 89 -4.72 -9.24 11.58
CA PRO A 89 -5.55 -9.97 10.60
C PRO A 89 -4.91 -9.90 9.19
N LEU A 90 -4.18 -8.83 8.92
CA LEU A 90 -3.55 -8.65 7.58
C LEU A 90 -2.39 -9.64 7.43
N ALA A 91 -1.55 -9.74 8.45
CA ALA A 91 -0.45 -10.73 8.43
C ALA A 91 -1.06 -12.14 8.30
N GLN A 92 -2.15 -12.40 9.03
CA GLN A 92 -2.77 -13.74 8.99
C GLN A 92 -3.16 -14.14 7.56
N SER A 93 -3.91 -13.28 6.88
CA SER A 93 -4.41 -13.65 5.52
C SER A 93 -3.27 -13.60 4.50
N HIS A 94 -2.36 -12.64 4.65
CA HIS A 94 -1.33 -12.45 3.61
C HIS A 94 -0.25 -13.51 3.73
N ALA A 95 -0.05 -14.04 4.93
CA ALA A 95 0.95 -15.11 5.13
C ALA A 95 0.38 -16.49 4.82
N THR A 96 -0.86 -16.74 5.21
CA THR A 96 -1.39 -18.13 5.12
C THR A 96 -2.34 -18.37 3.95
N LYS A 97 -2.98 -17.33 3.44
CA LYS A 97 -3.96 -17.51 2.36
C LYS A 97 -3.38 -16.97 1.06
N HIS A 98 -3.12 -15.67 1.00
CA HIS A 98 -2.65 -15.03 -0.25
C HIS A 98 -1.18 -15.35 -0.55
N LYS A 99 -0.36 -15.52 0.48
CA LYS A 99 1.09 -15.84 0.35
C LYS A 99 1.78 -14.68 -0.38
N ILE A 100 1.81 -13.52 0.25
CA ILE A 100 2.39 -12.30 -0.36
C ILE A 100 3.76 -12.05 0.23
N PRO A 101 4.82 -12.25 -0.57
CA PRO A 101 6.13 -12.06 -0.07
C PRO A 101 6.41 -10.60 0.30
N ILE A 102 7.36 -10.41 1.20
CA ILE A 102 7.78 -9.03 1.60
C ILE A 102 8.23 -8.22 0.36
N LYS A 103 8.94 -8.83 -0.59
CA LYS A 103 9.30 -8.10 -1.83
C LYS A 103 8.06 -7.51 -2.53
N TYR A 104 6.90 -8.20 -2.49
CA TYR A 104 5.66 -7.66 -3.10
C TYR A 104 5.13 -6.45 -2.29
N LEU A 105 5.31 -6.49 -0.96
CA LEU A 105 4.95 -5.33 -0.09
C LEU A 105 5.91 -4.15 -0.39
N GLU A 106 7.15 -4.46 -0.74
CA GLU A 106 8.11 -3.39 -1.16
C GLU A 106 7.63 -2.79 -2.49
N PHE A 107 7.17 -3.66 -3.39
CA PHE A 107 6.71 -3.20 -4.73
C PHE A 107 5.50 -2.25 -4.57
N ILE A 108 4.54 -2.65 -3.71
CA ILE A 108 3.31 -1.80 -3.57
C ILE A 108 3.69 -0.51 -2.83
N SER A 109 4.67 -0.57 -1.94
CA SER A 109 5.16 0.68 -1.25
C SER A 109 5.73 1.66 -2.28
N GLU A 110 6.57 1.15 -3.19
CA GLU A 110 7.14 2.00 -4.26
C GLU A 110 6.00 2.60 -5.11
N ALA A 111 4.98 1.78 -5.42
CA ALA A 111 3.83 2.26 -6.21
C ALA A 111 3.07 3.39 -5.47
N ILE A 112 2.86 3.22 -4.16
CA ILE A 112 2.18 4.28 -3.34
C ILE A 112 3.01 5.57 -3.42
N ILE A 113 4.33 5.45 -3.23
CA ILE A 113 5.19 6.67 -3.20
C ILE A 113 5.16 7.33 -4.60
N HIS A 114 5.19 6.50 -5.64
CA HIS A 114 5.18 7.02 -7.03
C HIS A 114 3.89 7.83 -7.29
N VAL A 115 2.75 7.25 -6.95
CA VAL A 115 1.45 7.93 -7.21
C VAL A 115 1.31 9.22 -6.37
N LEU A 116 1.72 9.16 -5.11
N LEU A 116 1.72 9.16 -5.11
CA LEU A 116 1.64 10.37 -4.22
CA LEU A 116 1.64 10.37 -4.22
C LEU A 116 2.56 11.48 -4.74
C LEU A 116 2.56 11.48 -4.75
N HIS A 117 3.72 11.09 -5.27
CA HIS A 117 4.66 12.10 -5.84
C HIS A 117 4.10 12.66 -7.16
N SER A 118 3.47 11.82 -7.97
CA SER A 118 2.89 12.24 -9.27
C SER A 118 1.69 13.16 -9.07
N ARG A 119 0.83 12.83 -8.11
CA ARG A 119 -0.44 13.58 -7.93
C ARG A 119 -0.30 14.78 -7.01
N HIS A 120 0.54 14.65 -5.98
CA HIS A 120 0.58 15.69 -4.92
C HIS A 120 1.99 16.18 -4.62
N PRO A 121 2.73 16.63 -5.65
CA PRO A 121 4.12 17.01 -5.41
C PRO A 121 4.30 18.11 -4.35
N GLY A 122 3.34 19.03 -4.26
CA GLY A 122 3.43 20.11 -3.25
C GLY A 122 3.34 19.57 -1.82
N ASP A 123 2.57 18.51 -1.60
CA ASP A 123 2.40 17.87 -0.27
C ASP A 123 3.24 16.60 -0.17
N PHE A 124 4.16 16.40 -1.11
CA PHE A 124 4.99 15.17 -1.13
C PHE A 124 6.40 15.51 -1.55
N GLY A 125 6.92 16.57 -0.95
CA GLY A 125 8.34 16.91 -1.16
C GLY A 125 9.21 15.94 -0.37
N ALA A 126 10.51 16.21 -0.32
CA ALA A 126 11.45 15.28 0.34
C ALA A 126 11.09 14.99 1.81
N ASP A 127 10.62 15.99 2.55
CA ASP A 127 10.21 15.77 3.97
C ASP A 127 9.07 14.73 4.08
N ALA A 128 8.04 14.93 3.29
CA ALA A 128 6.87 14.03 3.32
C ALA A 128 7.18 12.67 2.69
N GLN A 129 7.99 12.67 1.64
CA GLN A 129 8.39 11.38 1.04
C GLN A 129 9.20 10.58 2.05
N GLY A 130 10.11 11.28 2.75
CA GLY A 130 10.90 10.57 3.76
C GLY A 130 10.04 10.04 4.88
N ALA A 131 9.05 10.80 5.29
CA ALA A 131 8.18 10.37 6.41
C ALA A 131 7.32 9.17 5.95
N MET A 132 6.76 9.23 4.74
CA MET A 132 5.95 8.12 4.23
C MET A 132 6.82 6.87 4.04
N ASN A 133 8.01 7.05 3.49
N ASN A 133 8.03 7.05 3.51
CA ASN A 133 8.95 5.91 3.35
CA ASN A 133 8.97 5.90 3.35
C ASN A 133 9.13 5.27 4.74
C ASN A 133 9.17 5.27 4.73
N LYS A 134 9.38 6.08 5.77
CA LYS A 134 9.57 5.50 7.11
C LYS A 134 8.31 4.75 7.55
N ALA A 135 7.15 5.33 7.31
CA ALA A 135 5.87 4.74 7.77
C ALA A 135 5.63 3.39 7.07
N LEU A 136 5.94 3.32 5.77
CA LEU A 136 5.71 2.06 5.03
C LEU A 136 6.80 1.06 5.42
N GLU A 137 8.02 1.57 5.69
CA GLU A 137 9.10 0.61 6.11
C GLU A 137 8.70 0.01 7.45
N LEU A 138 8.18 0.80 8.40
CA LEU A 138 7.76 0.26 9.74
C LEU A 138 6.63 -0.80 9.56
N PHE A 139 5.67 -0.51 8.71
CA PHE A 139 4.59 -1.45 8.32
C PHE A 139 5.22 -2.76 7.86
N ARG A 140 6.18 -2.70 6.92
CA ARG A 140 6.80 -3.93 6.36
C ARG A 140 7.59 -4.67 7.43
N LYS A 141 8.31 -3.92 8.25
CA LYS A 141 9.12 -4.59 9.29
C LYS A 141 8.21 -5.36 10.24
N ASP A 142 7.14 -4.72 10.70
CA ASP A 142 6.22 -5.36 11.68
C ASP A 142 5.46 -6.54 11.03
N ILE A 143 5.08 -6.38 9.78
CA ILE A 143 4.39 -7.52 9.11
C ILE A 143 5.36 -8.70 8.89
N ALA A 144 6.63 -8.40 8.58
CA ALA A 144 7.63 -9.48 8.37
C ALA A 144 7.81 -10.31 9.65
N ALA A 145 7.85 -9.63 10.79
CA ALA A 145 7.98 -10.36 12.06
C ALA A 145 6.74 -11.22 12.35
N LYS A 146 5.55 -10.70 12.05
CA LYS A 146 4.28 -11.49 12.22
C LYS A 146 4.27 -12.68 11.24
N TYR A 147 4.72 -12.46 10.01
CA TYR A 147 4.81 -13.55 9.03
C TYR A 147 5.59 -14.70 9.63
N LYS A 148 6.76 -14.38 10.19
CA LYS A 148 7.64 -15.43 10.74
C LYS A 148 6.92 -16.11 11.91
N GLU A 149 6.23 -15.37 12.75
CA GLU A 149 5.48 -15.96 13.90
C GLU A 149 4.48 -17.00 13.38
N LEU A 150 3.92 -16.77 12.20
CA LEU A 150 2.91 -17.67 11.60
C LEU A 150 3.55 -18.78 10.76
N GLY A 151 4.87 -18.81 10.65
CA GLY A 151 5.58 -19.87 9.91
C GLY A 151 5.83 -19.53 8.45
N TYR A 152 5.54 -18.30 8.05
CA TYR A 152 5.75 -17.87 6.65
C TYR A 152 7.07 -17.08 6.54
N GLN A 153 7.96 -17.59 5.71
CA GLN A 153 9.31 -16.99 5.55
C GLN A 153 9.36 -16.21 4.23
N GLY A 154 8.22 -15.78 3.73
CA GLY A 154 8.14 -14.87 2.56
C GLY A 154 8.60 -13.48 2.91
CHA HEM B . -6.83 -8.96 0.21
CHB HEM B . -4.86 -5.12 2.39
CHC HEM B . -0.77 -5.78 -0.14
CHD HEM B . -2.81 -9.53 -2.39
C1A HEM B . -6.61 -7.86 1.04
C2A HEM B . -7.60 -7.35 2.01
C3A HEM B . -7.01 -6.25 2.63
C4A HEM B . -5.76 -6.15 2.00
CMA HEM B . -7.69 -5.39 3.63
CAA HEM B . -8.96 -7.97 2.29
CBA HEM B . -8.91 -8.77 3.60
CGA HEM B . -7.83 -9.86 3.61
O1A HEM B . -7.94 -10.83 2.82
O2A HEM B . -6.88 -9.72 4.42
C1B HEM B . -3.51 -4.98 1.84
C2B HEM B . -2.65 -3.88 2.28
C3B HEM B . -1.50 -4.04 1.54
C4B HEM B . -1.74 -5.25 0.75
CMB HEM B . -3.00 -2.79 3.26
CAB HEM B . -0.24 -3.20 1.55
CBB HEM B . -0.20 -1.90 1.68
C1C HEM B . -0.97 -6.85 -1.01
C2C HEM B . -0.10 -7.14 -2.09
C3C HEM B . -0.66 -8.24 -2.76
C4C HEM B . -1.89 -8.49 -2.02
CMC HEM B . 1.20 -6.47 -2.42
CAC HEM B . -0.13 -8.95 -3.97
CBC HEM B . 0.91 -8.70 -4.76
C1D HEM B . -4.05 -9.68 -1.76
C2D HEM B . -4.98 -10.66 -2.40
C3D HEM B . -6.16 -10.57 -1.66
C4D HEM B . -5.90 -9.44 -0.74
CMD HEM B . -4.68 -11.69 -3.46
CAD HEM B . -7.48 -11.31 -1.79
CBD HEM B . -8.24 -10.57 -2.92
CGD HEM B . -9.59 -11.21 -3.12
O1D HEM B . -9.84 -12.42 -2.96
O2D HEM B . -10.49 -10.45 -3.47
NA HEM B . -5.39 -7.10 1.10
NB HEM B . -2.86 -5.83 0.90
NC HEM B . -2.10 -7.64 -0.99
ND HEM B . -4.67 -8.91 -0.78
FE HEM B . -3.73 -7.44 0.15
S1 EBJ C . -7.95 -6.97 -8.94
C2 EBJ C . -8.70 -8.24 -7.99
N3 EBJ C . -9.31 -8.05 -6.80
N4 EBJ C . -9.78 -9.25 -6.38
N5 EBJ C . -9.46 -10.16 -7.29
C6 EBJ C . -8.87 -9.54 -8.31
#